data_5XR6
#
_entry.id   5XR6
#
_cell.length_a   37.634
_cell.length_b   48.416
_cell.length_c   68.508
_cell.angle_alpha   88.53
_cell.angle_beta   74.15
_cell.angle_gamma   84.37
#
_symmetry.space_group_name_H-M   'P 1'
#
loop_
_entity.id
_entity.type
_entity.pdbx_description
1 polymer 'Ras-related protein RABA1a'
2 non-polymer 'PHOSPHOAMINOPHOSPHONIC ACID-GUANYLATE ESTER'
3 non-polymer 'MAGNESIUM ION'
4 water water
#
_entity_poly.entity_id   1
_entity_poly.type   'polypeptide(L)'
_entity_poly.pdbx_seq_one_letter_code
;MGSSHHHHHHSSGLVPRGSHMYDYLFKLVLIGDSGVGKSNLLSRFTKNEFNLESKSTIGVEFATKTTKVEGKVVKAQIWD
TAGQERYRAITSAYYRGAVGALLIYDVTRHATFENAARWLRELRGHTDPNIVVMLIGNKCDLRHLVAVKTEEAKAFAERE
SLYFMETSALDATNVENAFTEVLTQIHKIVSKRS
;
_entity_poly.pdbx_strand_id   A,B
#
# COMPACT_ATOMS: atom_id res chain seq x y z
N HIS A 20 22.95 5.44 -5.85
CA HIS A 20 21.75 6.29 -5.83
C HIS A 20 22.05 7.78 -5.95
N MET A 21 21.12 8.47 -6.62
CA MET A 21 21.25 9.90 -6.90
C MET A 21 21.10 10.74 -5.63
N TYR A 22 20.32 10.27 -4.67
CA TYR A 22 20.07 10.96 -3.41
C TYR A 22 21.06 10.50 -2.34
N ASP A 23 21.29 11.37 -1.34
CA ASP A 23 22.10 10.99 -0.19
C ASP A 23 21.28 10.29 0.88
N TYR A 24 20.01 10.63 0.98
CA TYR A 24 19.15 10.09 2.02
C TYR A 24 17.77 9.81 1.44
N LEU A 25 17.16 8.74 1.94
CA LEU A 25 15.82 8.33 1.54
C LEU A 25 15.00 8.14 2.82
N PHE A 26 14.11 9.09 3.11
CA PHE A 26 13.38 9.13 4.37
C PHE A 26 11.93 8.74 4.15
N LYS A 27 11.51 7.63 4.77
CA LYS A 27 10.12 7.20 4.76
C LYS A 27 9.34 7.96 5.83
N LEU A 28 8.30 8.71 5.42
CA LEU A 28 7.38 9.41 6.32
C LEU A 28 5.98 8.85 6.18
N VAL A 29 5.24 8.85 7.28
CA VAL A 29 3.86 8.38 7.32
C VAL A 29 2.94 9.50 7.76
N LEU A 30 1.73 9.50 7.23
CA LEU A 30 0.68 10.44 7.60
C LEU A 30 -0.41 9.67 8.33
N ILE A 31 -0.76 10.12 9.54
CA ILE A 31 -1.82 9.46 10.31
C ILE A 31 -2.75 10.53 10.85
N GLY A 32 -3.91 10.07 11.36
CA GLY A 32 -4.96 10.98 11.76
C GLY A 32 -6.32 10.55 11.26
N ASP A 33 -7.38 11.06 11.90
CA ASP A 33 -8.72 10.54 11.65
C ASP A 33 -9.18 10.80 10.20
N SER A 34 -10.22 10.06 9.81
CA SER A 34 -10.82 10.23 8.51
C SER A 34 -11.22 11.67 8.25
N GLY A 35 -10.77 12.21 7.13
CA GLY A 35 -11.28 13.48 6.68
C GLY A 35 -10.56 14.68 7.23
N VAL A 36 -9.46 14.47 7.96
CA VAL A 36 -8.68 15.60 8.47
C VAL A 36 -7.90 16.27 7.35
N GLY A 37 -7.89 15.67 6.16
CA GLY A 37 -7.23 16.25 5.02
C GLY A 37 -5.87 15.67 4.67
N LYS A 38 -5.54 14.49 5.22
CA LYS A 38 -4.22 13.88 5.02
C LYS A 38 -3.87 13.79 3.55
N SER A 39 -4.78 13.24 2.74
CA SER A 39 -4.43 13.02 1.34
C SER A 39 -4.22 14.35 0.63
N ASN A 40 -5.05 15.34 0.95
CA ASN A 40 -4.91 16.64 0.31
C ASN A 40 -3.62 17.34 0.73
N LEU A 41 -3.24 17.25 2.01
CA LEU A 41 -1.93 17.76 2.41
C LEU A 41 -0.82 17.18 1.53
N LEU A 42 -0.85 15.87 1.31
CA LEU A 42 0.17 15.22 0.51
C LEU A 42 0.17 15.72 -0.94
N SER A 43 -0.98 15.65 -1.60
CA SER A 43 -1.07 16.09 -2.99
C SER A 43 -0.77 17.57 -3.13
N ARG A 44 -1.02 18.36 -2.08
CA ARG A 44 -0.62 19.76 -2.11
C ARG A 44 0.89 19.92 -1.98
N PHE A 45 1.55 18.99 -1.29
CA PHE A 45 2.99 19.04 -1.13
C PHE A 45 3.71 18.49 -2.36
N THR A 46 3.33 17.29 -2.79
CA THR A 46 4.00 16.66 -3.93
C THR A 46 3.65 17.32 -5.25
N LYS A 47 2.36 17.57 -5.50
CA LYS A 47 1.89 17.97 -6.83
C LYS A 47 1.22 19.34 -6.85
N ASN A 48 1.31 20.10 -5.75
CA ASN A 48 0.81 21.48 -5.66
C ASN A 48 -0.67 21.59 -6.03
N GLU A 49 -1.43 20.49 -5.94
CA GLU A 49 -2.85 20.49 -6.28
C GLU A 49 -3.71 20.37 -5.04
N PHE A 50 -4.80 21.14 -4.98
CA PHE A 50 -5.86 20.90 -4.01
C PHE A 50 -6.98 20.10 -4.69
N ASN A 51 -7.04 18.83 -4.37
CA ASN A 51 -8.08 17.95 -4.88
C ASN A 51 -9.43 18.36 -4.30
N LEU A 52 -10.18 19.18 -5.03
CA LEU A 52 -11.52 19.55 -4.61
C LEU A 52 -12.47 18.35 -4.64
N GLU A 53 -12.05 17.25 -5.21
CA GLU A 53 -12.90 16.11 -5.54
C GLU A 53 -12.39 14.88 -4.82
N SER A 54 -12.00 15.04 -3.56
CA SER A 54 -11.31 13.97 -2.86
C SER A 54 -12.29 12.96 -2.30
N LYS A 55 -11.76 11.79 -1.96
CA LYS A 55 -12.53 10.65 -1.51
C LYS A 55 -11.66 9.85 -0.54
N SER A 56 -12.31 9.16 0.39
CA SER A 56 -11.61 8.39 1.37
C SER A 56 -10.66 7.40 0.69
N THR A 57 -9.51 7.20 1.32
CA THR A 57 -8.43 6.46 0.68
C THR A 57 -8.64 4.95 0.85
N ILE A 58 -8.32 4.18 -0.19
CA ILE A 58 -8.41 2.73 -0.12
C ILE A 58 -7.01 2.16 -0.07
N GLY A 59 -6.73 1.38 0.97
CA GLY A 59 -5.42 0.76 1.11
C GLY A 59 -4.36 1.77 1.48
N VAL A 60 -3.25 1.74 0.76
CA VAL A 60 -2.11 2.59 1.04
C VAL A 60 -1.67 3.24 -0.26
N GLU A 61 -1.58 4.56 -0.26
CA GLU A 61 -1.09 5.31 -1.41
C GLU A 61 0.27 5.89 -1.09
N PHE A 62 1.01 6.23 -2.13
CA PHE A 62 2.40 6.65 -1.97
C PHE A 62 2.63 7.95 -2.72
N ALA A 63 3.72 8.61 -2.40
CA ALA A 63 4.15 9.79 -3.13
C ALA A 63 5.59 10.05 -2.76
N THR A 64 6.29 10.77 -3.63
CA THR A 64 7.72 10.98 -3.49
C THR A 64 8.03 12.42 -3.87
N LYS A 65 9.05 12.97 -3.22
CA LYS A 65 9.55 14.30 -3.52
C LYS A 65 11.05 14.29 -3.21
N THR A 66 11.82 14.99 -4.01
CA THR A 66 13.26 15.06 -3.81
C THR A 66 13.63 16.52 -3.64
N THR A 67 14.18 16.83 -2.47
CA THR A 67 14.44 18.20 -2.05
C THR A 67 15.93 18.37 -1.81
N LYS A 68 16.38 19.61 -1.96
CA LYS A 68 17.69 20.04 -1.50
C LYS A 68 17.52 20.86 -0.23
N VAL A 69 17.51 20.18 0.91
CA VAL A 69 17.88 20.79 2.18
C VAL A 69 19.34 20.41 2.38
N GLU A 70 19.98 21.10 3.33
CA GLU A 70 21.39 21.07 3.68
C GLU A 70 22.40 21.31 2.56
N GLY A 71 21.98 21.52 1.32
CA GLY A 71 22.95 21.38 0.25
C GLY A 71 23.15 19.95 -0.15
N LYS A 72 22.33 19.04 0.35
CA LYS A 72 22.35 17.63 -0.04
C LYS A 72 20.97 17.19 -0.53
N VAL A 73 20.91 15.97 -1.07
CA VAL A 73 19.76 15.47 -1.82
C VAL A 73 18.95 14.53 -0.92
N VAL A 74 17.69 14.89 -0.70
CA VAL A 74 16.80 14.16 0.20
C VAL A 74 15.60 13.71 -0.61
N LYS A 75 15.37 12.40 -0.64
CA LYS A 75 14.20 11.84 -1.30
C LYS A 75 13.25 11.36 -0.20
N ALA A 76 12.23 12.16 0.08
CA ALA A 76 11.22 11.76 1.03
C ALA A 76 10.23 10.81 0.38
N GLN A 77 9.83 9.79 1.12
CA GLN A 77 8.94 8.75 0.60
C GLN A 77 7.74 8.66 1.53
N ILE A 78 6.63 9.26 1.10
CA ILE A 78 5.50 9.54 1.97
C ILE A 78 4.41 8.51 1.73
N TRP A 79 4.08 7.76 2.77
CA TRP A 79 2.99 6.79 2.79
C TRP A 79 1.76 7.46 3.36
N ASP A 80 0.59 6.99 2.95
CA ASP A 80 -0.68 7.64 3.24
C ASP A 80 -1.78 6.60 3.23
N THR A 81 -2.54 6.54 4.31
CA THR A 81 -3.53 5.50 4.51
C THR A 81 -4.79 6.15 5.04
N ALA A 82 -5.89 5.39 5.02
CA ALA A 82 -7.13 5.93 5.54
C ALA A 82 -7.15 5.89 7.06
N GLY A 83 -8.10 6.60 7.65
CA GLY A 83 -8.20 6.75 9.08
C GLY A 83 -9.00 5.69 9.82
N GLN A 84 -10.00 5.09 9.17
CA GLN A 84 -10.86 4.16 9.88
C GLN A 84 -10.61 2.74 9.39
N GLU A 85 -11.55 1.84 9.64
CA GLU A 85 -11.41 0.42 9.26
C GLU A 85 -11.30 0.24 7.75
N ARG A 88 -6.98 -3.25 8.15
CA ARG A 88 -5.92 -3.11 9.13
C ARG A 88 -5.03 -4.34 9.13
N ALA A 89 -4.32 -4.57 10.23
CA ALA A 89 -3.38 -5.68 10.41
C ALA A 89 -2.13 -5.52 9.54
N ILE A 90 -2.20 -4.58 8.58
CA ILE A 90 -1.06 -4.19 7.75
C ILE A 90 -0.41 -2.95 8.38
N THR A 91 -0.89 -2.59 9.57
CA THR A 91 -0.21 -1.58 10.38
C THR A 91 1.28 -1.88 10.42
N SER A 92 1.59 -3.15 10.73
CA SER A 92 2.79 -3.88 10.32
C SER A 92 3.71 -3.13 9.36
N ALA A 93 3.45 -3.32 8.06
CA ALA A 93 4.33 -2.80 7.03
C ALA A 93 4.23 -1.28 6.93
N TYR A 94 3.06 -0.72 7.22
CA TYR A 94 2.85 0.71 7.03
C TYR A 94 3.87 1.53 7.83
N TYR A 95 3.98 1.27 9.13
CA TYR A 95 4.89 2.05 9.96
C TYR A 95 6.34 1.63 9.84
N ARG A 96 6.61 0.44 9.31
CA ARG A 96 7.93 -0.16 9.46
C ARG A 96 8.99 0.67 8.72
N GLY A 97 10.06 0.99 9.42
CA GLY A 97 11.11 1.84 8.89
C GLY A 97 10.75 3.29 8.79
N ALA A 98 9.56 3.69 9.24
CA ALA A 98 9.19 5.09 9.19
C ALA A 98 10.11 5.89 10.10
N VAL A 99 10.57 7.02 9.58
CA VAL A 99 11.60 7.82 10.23
C VAL A 99 11.11 9.23 10.51
N GLY A 100 9.93 9.58 10.01
CA GLY A 100 9.20 10.77 10.43
C GLY A 100 7.72 10.54 10.23
N ALA A 101 6.93 11.39 10.88
CA ALA A 101 5.48 11.21 10.89
C ALA A 101 4.82 12.56 11.04
N LEU A 102 3.70 12.75 10.37
CA LEU A 102 2.82 13.89 10.55
C LEU A 102 1.56 13.39 11.24
N LEU A 103 1.22 13.97 12.37
CA LEU A 103 0.02 13.60 13.10
C LEU A 103 -0.97 14.74 12.89
N ILE A 104 -1.96 14.49 12.05
CA ILE A 104 -2.80 15.53 11.48
C ILE A 104 -4.17 15.42 12.09
N TYR A 105 -4.66 16.52 12.65
CA TYR A 105 -6.06 16.63 13.08
C TYR A 105 -6.74 17.77 12.31
N ASP A 106 -8.06 17.77 12.37
CA ASP A 106 -8.91 18.77 11.73
C ASP A 106 -9.18 19.89 12.73
N VAL A 107 -8.72 21.11 12.40
CA VAL A 107 -8.82 22.26 13.29
C VAL A 107 -10.27 22.61 13.65
N THR A 108 -11.24 22.09 12.91
CA THR A 108 -12.65 22.45 13.15
C THR A 108 -13.46 21.34 13.81
N ARG A 109 -12.83 20.21 14.15
CA ARG A 109 -13.55 19.08 14.73
C ARG A 109 -12.76 18.59 15.93
N HIS A 110 -13.23 18.93 17.13
CA HIS A 110 -12.44 18.65 18.33
C HIS A 110 -12.27 17.15 18.55
N ALA A 111 -13.17 16.32 18.01
CA ALA A 111 -12.99 14.88 18.15
C ALA A 111 -11.70 14.41 17.50
N THR A 112 -11.31 15.00 16.35
CA THR A 112 -10.08 14.54 15.70
C THR A 112 -8.84 14.91 16.50
N PHE A 113 -8.91 16.01 17.26
CA PHE A 113 -7.75 16.40 18.05
C PHE A 113 -7.61 15.58 19.32
N GLU A 114 -8.71 15.15 19.94
CA GLU A 114 -8.56 14.29 21.12
C GLU A 114 -7.96 12.93 20.74
N ASN A 115 -8.43 12.33 19.63
CA ASN A 115 -7.92 11.05 19.17
C ASN A 115 -6.44 11.08 18.82
N ALA A 116 -5.81 12.26 18.81
CA ALA A 116 -4.41 12.34 18.42
C ALA A 116 -3.51 11.54 19.34
N ALA A 117 -3.80 11.55 20.65
CA ALA A 117 -2.99 10.79 21.59
C ALA A 117 -3.10 9.29 21.32
N ARG A 118 -4.28 8.83 20.90
CA ARG A 118 -4.46 7.41 20.60
C ARG A 118 -3.77 7.03 19.31
N TRP A 119 -3.71 7.96 18.35
CA TRP A 119 -2.82 7.80 17.20
C TRP A 119 -1.36 7.79 17.64
N LEU A 120 -1.01 8.66 18.59
CA LEU A 120 0.36 8.76 19.03
C LEU A 120 0.80 7.47 19.70
N ARG A 121 -0.08 6.83 20.47
CA ARG A 121 0.30 5.53 21.03
C ARG A 121 0.43 4.48 19.94
N GLU A 122 -0.50 4.45 18.98
CA GLU A 122 -0.35 3.53 17.86
C GLU A 122 0.97 3.77 17.14
N LEU A 123 1.24 5.03 16.76
CA LEU A 123 2.48 5.34 16.07
C LEU A 123 3.69 4.88 16.87
N ARG A 124 3.63 5.04 18.19
CA ARG A 124 4.77 4.75 19.04
C ARG A 124 4.97 3.25 19.27
N GLY A 125 3.90 2.49 19.37
CA GLY A 125 4.05 1.04 19.47
C GLY A 125 4.64 0.35 18.25
N HIS A 126 4.95 1.10 17.18
CA HIS A 126 5.45 0.52 15.94
C HIS A 126 6.58 1.32 15.32
N THR A 127 7.25 2.19 16.06
CA THR A 127 8.38 2.92 15.51
C THR A 127 9.43 3.13 16.60
N ASP A 128 10.59 3.62 16.16
CA ASP A 128 11.66 3.95 17.08
C ASP A 128 11.27 5.17 17.92
N PRO A 129 11.54 5.16 19.23
CA PRO A 129 11.21 6.32 20.07
C PRO A 129 11.75 7.65 19.57
N ASN A 130 12.74 7.64 18.67
CA ASN A 130 13.43 8.87 18.27
C ASN A 130 13.08 9.39 16.88
N ILE A 131 12.01 8.89 16.26
CA ILE A 131 11.54 9.49 15.00
C ILE A 131 11.08 10.94 15.25
N VAL A 132 11.27 11.78 14.23
CA VAL A 132 10.71 13.13 14.23
C VAL A 132 9.21 13.06 13.96
N VAL A 133 8.41 13.61 14.88
CA VAL A 133 6.94 13.61 14.76
C VAL A 133 6.44 15.04 14.86
N MET A 134 5.60 15.44 13.91
CA MET A 134 4.97 16.76 13.94
C MET A 134 3.46 16.63 14.01
N LEU A 135 2.86 17.31 15.00
CA LEU A 135 1.42 17.47 15.05
C LEU A 135 1.00 18.56 14.07
N ILE A 136 0.05 18.24 13.19
CA ILE A 136 -0.48 19.21 12.23
C ILE A 136 -1.94 19.49 12.55
N GLY A 137 -2.25 20.76 12.80
CA GLY A 137 -3.62 21.21 12.76
C GLY A 137 -3.94 21.71 11.36
N ASN A 138 -4.75 20.95 10.63
CA ASN A 138 -5.08 21.26 9.24
C ASN A 138 -6.41 22.03 9.13
N LYS A 139 -6.59 22.70 7.99
CA LYS A 139 -7.79 23.46 7.63
C LYS A 139 -7.85 24.79 8.39
N CYS A 140 -6.71 25.46 8.52
CA CYS A 140 -6.68 26.71 9.27
C CYS A 140 -7.32 27.85 8.50
N ASP A 141 -7.77 27.58 7.27
CA ASP A 141 -8.51 28.55 6.49
C ASP A 141 -9.98 28.63 6.91
N LEU A 142 -10.56 27.51 7.37
CA LEU A 142 -11.94 27.53 7.87
C LEU A 142 -12.00 28.27 9.20
N ARG A 143 -11.62 29.56 9.18
CA ARG A 143 -11.30 30.30 10.40
C ARG A 143 -12.50 30.45 11.32
N HIS A 144 -13.70 30.57 10.76
CA HIS A 144 -14.91 30.76 11.54
C HIS A 144 -15.43 29.45 12.14
N LEU A 145 -14.78 28.33 11.89
CA LEU A 145 -15.16 27.06 12.50
C LEU A 145 -14.05 26.48 13.37
N VAL A 146 -12.95 27.20 13.58
CA VAL A 146 -11.86 26.69 14.42
C VAL A 146 -12.42 26.27 15.77
N ALA A 147 -12.39 24.98 16.04
CA ALA A 147 -12.96 24.40 17.24
C ALA A 147 -11.92 23.94 18.24
N VAL A 148 -10.64 24.14 17.93
CA VAL A 148 -9.52 23.70 18.76
C VAL A 148 -8.57 24.88 18.96
N LYS A 149 -8.35 25.24 20.22
CA LYS A 149 -7.49 26.38 20.49
C LYS A 149 -6.04 26.01 20.22
N THR A 150 -5.37 26.87 19.45
CA THR A 150 -3.96 26.68 19.13
C THR A 150 -3.13 26.42 20.38
N GLU A 151 -3.43 27.14 21.47
CA GLU A 151 -2.67 26.97 22.71
C GLU A 151 -2.87 25.57 23.29
N GLU A 152 -4.07 25.00 23.17
CA GLU A 152 -4.25 23.64 23.67
C GLU A 152 -3.44 22.62 22.85
N ALA A 153 -3.30 22.84 21.54
CA ALA A 153 -2.50 21.95 20.71
C ALA A 153 -1.00 22.14 20.98
N LYS A 154 -0.59 23.40 21.20
CA LYS A 154 0.76 23.66 21.72
C LYS A 154 0.99 22.91 23.03
N ALA A 155 -0.02 22.84 23.89
CA ALA A 155 0.12 22.12 25.15
C ALA A 155 0.40 20.64 24.92
N PHE A 156 -0.44 19.98 24.10
CA PHE A 156 -0.23 18.57 23.79
C PHE A 156 1.14 18.34 23.14
N ALA A 157 1.53 19.25 22.23
CA ALA A 157 2.80 19.12 21.52
C ALA A 157 4.00 19.19 22.49
N GLU A 158 3.99 20.19 23.39
CA GLU A 158 5.07 20.30 24.36
C GLU A 158 5.05 19.15 25.37
N ARG A 159 3.87 18.80 25.87
CA ARG A 159 3.74 17.65 26.75
C ARG A 159 4.34 16.38 26.15
N GLU A 160 4.32 16.24 24.82
CA GLU A 160 4.72 14.99 24.17
C GLU A 160 5.96 15.12 23.28
N SER A 161 6.64 16.27 23.28
CA SER A 161 7.88 16.45 22.51
C SER A 161 7.63 16.32 21.01
N LEU A 162 6.56 16.95 20.52
CA LEU A 162 6.24 16.98 19.11
C LEU A 162 6.55 18.35 18.54
N TYR A 163 6.86 18.40 17.24
CA TYR A 163 6.79 19.68 16.55
C TYR A 163 5.32 20.03 16.29
N PHE A 164 5.05 21.29 15.95
CA PHE A 164 3.67 21.73 15.81
C PHE A 164 3.52 22.79 14.74
N MET A 165 2.48 22.64 13.92
CA MET A 165 2.17 23.59 12.87
C MET A 165 0.66 23.66 12.66
N GLU A 166 0.20 24.80 12.18
CA GLU A 166 -1.14 24.97 11.64
C GLU A 166 -1.01 25.10 10.13
N THR A 167 -1.78 24.29 9.39
CA THR A 167 -1.69 24.26 7.93
C THR A 167 -3.05 24.40 7.27
N SER A 168 -3.01 24.80 6.01
CA SER A 168 -4.16 24.69 5.13
C SER A 168 -3.70 24.03 3.84
N ALA A 169 -4.22 22.84 3.55
CA ALA A 169 -4.00 22.25 2.25
C ALA A 169 -4.69 23.05 1.16
N LEU A 170 -5.83 23.65 1.48
CA LEU A 170 -6.61 24.37 0.49
C LEU A 170 -5.87 25.61 0.00
N ASP A 171 -5.22 26.36 0.89
CA ASP A 171 -4.48 27.53 0.44
C ASP A 171 -2.99 27.42 0.74
N ALA A 172 -2.48 26.19 0.81
CA ALA A 172 -1.06 25.86 0.87
C ALA A 172 -0.33 26.38 2.12
N THR A 173 -1.06 26.91 3.10
CA THR A 173 -0.40 27.55 4.24
C THR A 173 0.39 26.54 5.05
N ASN A 174 1.69 26.81 5.20
CA ASN A 174 2.63 26.07 6.04
C ASN A 174 2.84 24.63 5.59
N VAL A 175 2.22 24.21 4.49
CA VAL A 175 2.35 22.83 4.06
C VAL A 175 3.81 22.53 3.73
N GLU A 176 4.42 23.39 2.92
CA GLU A 176 5.83 23.17 2.59
C GLU A 176 6.71 23.26 3.84
N ASN A 177 6.46 24.27 4.67
CA ASN A 177 7.25 24.46 5.90
C ASN A 177 7.20 23.22 6.80
N ALA A 178 6.02 22.62 6.96
CA ALA A 178 5.89 21.46 7.85
C ALA A 178 6.68 20.27 7.33
N PHE A 179 6.64 20.03 6.01
CA PHE A 179 7.29 18.85 5.46
C PHE A 179 8.81 19.01 5.46
N THR A 180 9.30 20.15 4.99
CA THR A 180 10.74 20.36 4.97
C THR A 180 11.31 20.33 6.40
N GLU A 181 10.73 21.13 7.30
CA GLU A 181 11.07 21.10 8.72
C GLU A 181 11.30 19.69 9.24
N VAL A 182 10.32 18.80 9.02
CA VAL A 182 10.49 17.41 9.39
C VAL A 182 11.78 16.87 8.76
N LEU A 183 11.86 16.95 7.43
CA LEU A 183 12.98 16.35 6.72
C LEU A 183 14.32 16.92 7.18
N THR A 184 14.40 18.23 7.45
CA THR A 184 15.64 18.76 8.02
C THR A 184 15.91 18.15 9.38
N GLN A 185 14.93 18.19 10.27
CA GLN A 185 15.10 17.63 11.61
C GLN A 185 15.51 16.16 11.57
N ILE A 186 15.09 15.41 10.56
CA ILE A 186 15.49 14.01 10.48
C ILE A 186 16.96 13.88 10.10
N HIS A 187 17.43 14.76 9.22
CA HIS A 187 18.80 14.63 8.77
C HIS A 187 19.79 14.97 9.89
N LYS A 188 19.48 15.99 10.70
CA LYS A 188 20.36 16.34 11.81
C LYS A 188 20.58 15.17 12.73
N ILE A 189 19.53 14.37 12.96
CA ILE A 189 19.70 13.13 13.70
C ILE A 189 20.67 12.21 12.98
N VAL A 190 20.58 12.13 11.65
CA VAL A 190 21.18 11.01 10.92
C VAL A 190 22.61 11.27 10.43
N SER A 191 22.98 12.53 10.18
CA SER A 191 24.40 12.83 9.97
C SER A 191 25.22 12.48 11.22
N HIS B 20 -2.49 -15.64 17.91
CA HIS B 20 -3.60 -14.88 17.32
C HIS B 20 -4.72 -15.80 16.87
N MET B 21 -5.68 -15.20 16.18
CA MET B 21 -6.86 -15.91 15.68
C MET B 21 -6.64 -16.53 14.30
N TYR B 22 -5.47 -17.12 14.08
CA TYR B 22 -5.15 -17.90 12.90
C TYR B 22 -3.99 -18.81 13.24
N ASP B 23 -3.95 -19.98 12.62
CA ASP B 23 -2.79 -20.84 12.76
C ASP B 23 -1.64 -20.36 11.89
N TYR B 24 -1.95 -20.01 10.64
CA TYR B 24 -0.98 -19.45 9.71
C TYR B 24 -1.56 -18.23 9.02
N LEU B 25 -0.73 -17.20 8.83
CA LEU B 25 -1.05 -16.03 8.01
C LEU B 25 -0.06 -15.96 6.85
N PHE B 26 -0.54 -16.19 5.64
CA PHE B 26 0.31 -16.24 4.46
C PHE B 26 0.06 -15.01 3.60
N LYS B 27 1.11 -14.23 3.37
CA LYS B 27 1.08 -13.13 2.41
C LYS B 27 1.31 -13.69 1.00
N LEU B 28 0.38 -13.37 0.10
CA LEU B 28 0.53 -13.60 -1.32
C LEU B 28 0.56 -12.26 -2.03
N VAL B 29 1.29 -12.18 -3.12
CA VAL B 29 1.27 -11.01 -3.99
C VAL B 29 0.71 -11.40 -5.35
N LEU B 30 0.03 -10.44 -5.98
CA LEU B 30 -0.48 -10.59 -7.34
C LEU B 30 0.32 -9.66 -8.25
N ILE B 31 0.72 -10.17 -9.42
CA ILE B 31 1.57 -9.42 -10.33
C ILE B 31 1.24 -9.82 -11.77
N GLY B 32 1.70 -9.00 -12.71
CA GLY B 32 1.26 -9.08 -14.08
C GLY B 32 0.91 -7.72 -14.64
N ASP B 33 0.95 -7.59 -15.97
CA ASP B 33 0.79 -6.31 -16.64
C ASP B 33 -0.57 -5.67 -16.36
N SER B 34 -0.64 -4.38 -16.68
CA SER B 34 -1.86 -3.61 -16.55
C SER B 34 -3.01 -4.21 -17.36
N GLY B 35 -4.17 -4.31 -16.72
CA GLY B 35 -5.38 -4.76 -17.39
C GLY B 35 -5.55 -6.25 -17.49
N VAL B 36 -4.65 -7.04 -16.87
CA VAL B 36 -4.72 -8.49 -16.94
C VAL B 36 -5.86 -9.05 -16.11
N GLY B 37 -6.25 -8.37 -15.03
CA GLY B 37 -7.41 -8.77 -14.27
C GLY B 37 -7.14 -9.00 -12.82
N LYS B 38 -6.01 -8.45 -12.34
CA LYS B 38 -5.55 -8.77 -11.00
C LYS B 38 -6.57 -8.35 -9.95
N SER B 39 -7.13 -7.14 -10.09
CA SER B 39 -8.07 -6.70 -9.07
C SER B 39 -9.38 -7.46 -9.16
N ASN B 40 -9.82 -7.78 -10.38
CA ASN B 40 -11.04 -8.56 -10.54
C ASN B 40 -10.86 -10.00 -10.04
N LEU B 41 -9.68 -10.60 -10.25
CA LEU B 41 -9.45 -11.91 -9.65
C LEU B 41 -9.54 -11.82 -8.13
N LEU B 42 -8.96 -10.77 -7.55
CA LEU B 42 -9.02 -10.58 -6.10
C LEU B 42 -10.46 -10.35 -5.64
N SER B 43 -11.24 -9.56 -6.39
CA SER B 43 -12.62 -9.31 -5.98
C SER B 43 -13.43 -10.60 -6.02
N ARG B 44 -13.22 -11.42 -7.06
CA ARG B 44 -14.00 -12.64 -7.23
C ARG B 44 -13.70 -13.65 -6.12
N PHE B 45 -12.45 -13.71 -5.68
CA PHE B 45 -12.11 -14.68 -4.66
C PHE B 45 -12.63 -14.25 -3.29
N THR B 46 -12.24 -13.06 -2.85
CA THR B 46 -12.56 -12.62 -1.50
C THR B 46 -14.04 -12.29 -1.34
N LYS B 47 -14.72 -11.87 -2.41
CA LYS B 47 -16.04 -11.29 -2.25
C LYS B 47 -17.02 -11.71 -3.33
N ASN B 48 -16.59 -12.48 -4.33
CA ASN B 48 -17.43 -13.25 -5.27
C ASN B 48 -18.37 -12.37 -6.09
N GLU B 49 -17.78 -11.53 -6.94
CA GLU B 49 -18.50 -10.91 -8.05
C GLU B 49 -17.50 -10.43 -9.09
N PHE B 50 -18.05 -9.87 -10.16
CA PHE B 50 -17.29 -9.21 -11.21
C PHE B 50 -17.57 -7.71 -11.14
N ASN B 51 -16.61 -6.95 -10.64
CA ASN B 51 -16.65 -5.50 -10.73
C ASN B 51 -16.58 -5.09 -12.19
N LEU B 52 -17.62 -4.40 -12.66
CA LEU B 52 -17.72 -4.12 -14.09
C LEU B 52 -16.81 -2.97 -14.51
N GLU B 53 -16.84 -1.84 -13.81
CA GLU B 53 -15.93 -0.76 -14.16
C GLU B 53 -14.78 -0.71 -13.17
N SER B 54 -13.90 -1.70 -13.31
CA SER B 54 -12.67 -1.74 -12.53
C SER B 54 -11.69 -0.73 -13.11
N LYS B 55 -11.17 0.14 -12.28
CA LYS B 55 -10.21 1.10 -12.76
C LYS B 55 -8.80 0.67 -12.36
N SER B 56 -7.83 1.17 -13.12
CA SER B 56 -6.44 0.85 -12.86
C SER B 56 -6.06 1.18 -11.41
N THR B 57 -5.35 0.27 -10.77
CA THR B 57 -5.13 0.38 -9.35
C THR B 57 -4.11 1.48 -9.04
N ILE B 58 -4.32 2.16 -7.92
CA ILE B 58 -3.47 3.26 -7.51
C ILE B 58 -2.80 2.86 -6.20
N GLY B 59 -1.47 2.87 -6.19
CA GLY B 59 -0.73 2.41 -5.04
C GLY B 59 -0.95 0.93 -4.83
N VAL B 60 -1.30 0.56 -3.60
CA VAL B 60 -1.32 -0.83 -3.17
C VAL B 60 -2.61 -1.08 -2.39
N GLU B 61 -3.33 -2.13 -2.76
CA GLU B 61 -4.56 -2.50 -2.06
C GLU B 61 -4.41 -3.88 -1.43
N PHE B 62 -5.34 -4.22 -0.54
CA PHE B 62 -5.24 -5.44 0.23
C PHE B 62 -6.60 -6.09 0.37
N ALA B 63 -6.58 -7.43 0.44
CA ALA B 63 -7.76 -8.19 0.78
C ALA B 63 -7.32 -9.36 1.62
N THR B 64 -8.26 -9.94 2.35
CA THR B 64 -7.95 -11.01 3.28
C THR B 64 -9.05 -12.04 3.22
N LYS B 65 -8.70 -13.29 3.50
CA LYS B 65 -9.66 -14.37 3.55
C LYS B 65 -9.14 -15.39 4.53
N THR B 66 -10.05 -16.06 5.24
CA THR B 66 -9.70 -17.08 6.21
C THR B 66 -10.33 -18.39 5.77
N THR B 67 -9.48 -19.35 5.43
CA THR B 67 -9.87 -20.66 4.95
C THR B 67 -9.27 -21.71 5.87
N LYS B 68 -9.65 -22.97 5.65
CA LYS B 68 -9.08 -24.08 6.39
C LYS B 68 -8.34 -25.03 5.46
N VAL B 69 -7.08 -25.31 5.78
CA VAL B 69 -6.24 -26.25 5.04
C VAL B 69 -5.67 -27.25 6.01
N GLU B 70 -5.91 -28.54 5.74
CA GLU B 70 -5.44 -29.63 6.59
C GLU B 70 -5.89 -29.44 8.03
N GLY B 71 -7.09 -28.90 8.22
CA GLY B 71 -7.56 -28.56 9.54
C GLY B 71 -6.66 -27.56 10.22
N LYS B 72 -6.52 -26.39 9.60
CA LYS B 72 -5.84 -25.24 10.19
C LYS B 72 -6.54 -23.99 9.68
N VAL B 73 -6.74 -23.02 10.56
CA VAL B 73 -7.31 -21.76 10.12
C VAL B 73 -6.16 -20.93 9.53
N VAL B 74 -5.97 -21.07 8.23
CA VAL B 74 -5.00 -20.29 7.48
C VAL B 74 -5.69 -19.05 6.96
N LYS B 75 -4.98 -17.93 7.00
CA LYS B 75 -5.53 -16.65 6.57
C LYS B 75 -4.59 -16.07 5.52
N ALA B 76 -5.14 -15.79 4.34
CA ALA B 76 -4.35 -15.20 3.27
C ALA B 76 -4.44 -13.68 3.33
N GLN B 77 -3.29 -13.04 3.26
CA GLN B 77 -3.20 -11.59 3.17
C GLN B 77 -2.68 -11.25 1.77
N ILE B 78 -3.60 -10.90 0.87
CA ILE B 78 -3.27 -10.75 -0.55
C ILE B 78 -3.01 -9.28 -0.87
N TRP B 79 -1.83 -9.00 -1.40
CA TRP B 79 -1.46 -7.67 -1.86
C TRP B 79 -1.66 -7.58 -3.37
N ASP B 80 -2.17 -6.43 -3.82
CA ASP B 80 -2.51 -6.14 -5.21
C ASP B 80 -2.01 -4.73 -5.55
N THR B 81 -1.46 -4.57 -6.75
CA THR B 81 -0.98 -3.26 -7.17
C THR B 81 -1.12 -3.13 -8.69
N ALA B 82 -0.67 -2.01 -9.22
CA ALA B 82 -0.72 -1.77 -10.65
C ALA B 82 0.42 -2.48 -11.35
N GLY B 83 0.20 -2.82 -12.61
CA GLY B 83 1.28 -3.35 -13.44
C GLY B 83 2.14 -2.24 -13.99
N GLN B 84 1.51 -1.13 -14.36
CA GLN B 84 2.22 0.06 -14.79
C GLN B 84 2.87 0.75 -13.59
N GLU B 85 3.68 1.76 -13.88
CA GLU B 85 4.35 2.53 -12.81
C GLU B 85 4.03 4.02 -12.91
N ARG B 88 7.04 4.19 -6.93
CA ARG B 88 7.04 2.85 -7.51
C ARG B 88 8.29 2.04 -7.15
N ALA B 89 9.15 2.62 -6.30
CA ALA B 89 10.26 1.89 -5.70
C ALA B 89 9.86 1.22 -4.38
N ILE B 90 8.56 1.20 -4.08
CA ILE B 90 7.94 0.50 -2.95
C ILE B 90 8.03 -1.00 -3.17
N THR B 91 8.73 -1.41 -4.24
CA THR B 91 8.81 -2.81 -4.64
C THR B 91 9.20 -3.72 -3.47
N SER B 92 10.26 -3.35 -2.74
CA SER B 92 10.77 -4.21 -1.67
C SER B 92 9.72 -4.44 -0.59
N ALA B 93 8.97 -3.41 -0.21
CA ALA B 93 7.91 -3.62 0.77
C ALA B 93 6.81 -4.49 0.19
N TYR B 94 6.48 -4.28 -1.08
CA TYR B 94 5.44 -5.09 -1.72
C TYR B 94 5.78 -6.56 -1.60
N TYR B 95 7.01 -6.92 -1.92
CA TYR B 95 7.36 -8.32 -2.02
C TYR B 95 7.76 -8.95 -0.70
N ARG B 96 8.15 -8.17 0.30
CA ARG B 96 8.75 -8.77 1.49
C ARG B 96 7.74 -9.61 2.26
N GLY B 97 8.22 -10.75 2.76
CA GLY B 97 7.38 -11.71 3.42
C GLY B 97 6.45 -12.46 2.49
N ALA B 98 6.43 -12.12 1.20
CA ALA B 98 5.57 -12.82 0.27
C ALA B 98 6.02 -14.27 0.18
N VAL B 99 5.05 -15.15 0.35
CA VAL B 99 5.31 -16.57 0.46
C VAL B 99 4.53 -17.38 -0.57
N GLY B 100 3.46 -16.81 -1.14
CA GLY B 100 2.94 -17.22 -2.43
C GLY B 100 2.81 -16.01 -3.34
N ALA B 101 2.52 -16.29 -4.62
CA ALA B 101 2.42 -15.27 -5.66
C ALA B 101 1.71 -15.81 -6.89
N LEU B 102 0.71 -15.07 -7.36
CA LEU B 102 0.03 -15.37 -8.61
C LEU B 102 0.61 -14.45 -9.69
N LEU B 103 1.13 -15.04 -10.75
CA LEU B 103 1.65 -14.30 -11.89
C LEU B 103 0.59 -14.44 -12.96
N ILE B 104 -0.04 -13.33 -13.31
CA ILE B 104 -1.27 -13.40 -14.10
C ILE B 104 -1.05 -12.68 -15.42
N TYR B 105 -1.45 -13.33 -16.52
CA TYR B 105 -1.49 -12.73 -17.84
C TYR B 105 -2.91 -12.79 -18.41
N ASP B 106 -3.15 -11.95 -19.41
CA ASP B 106 -4.41 -11.89 -20.12
C ASP B 106 -4.36 -12.91 -21.25
N VAL B 107 -5.30 -13.85 -21.25
CA VAL B 107 -5.28 -14.92 -22.25
C VAL B 107 -5.46 -14.37 -23.67
N THR B 108 -5.96 -13.14 -23.81
CA THR B 108 -6.22 -12.58 -25.13
C THR B 108 -5.20 -11.52 -25.53
N ARG B 109 -4.05 -11.44 -24.86
CA ARG B 109 -3.05 -10.43 -25.21
C ARG B 109 -1.67 -11.05 -25.06
N HIS B 110 -1.03 -11.37 -26.19
CA HIS B 110 0.24 -12.09 -26.13
C HIS B 110 1.34 -11.24 -25.51
N ALA B 111 1.23 -9.92 -25.57
CA ALA B 111 2.17 -9.08 -24.84
C ALA B 111 2.22 -9.44 -23.36
N THR B 112 1.05 -9.63 -22.74
CA THR B 112 1.04 -9.84 -21.28
C THR B 112 1.70 -11.15 -20.89
N PHE B 113 1.68 -12.15 -21.78
CA PHE B 113 2.31 -13.43 -21.49
C PHE B 113 3.82 -13.39 -21.73
N GLU B 114 4.28 -12.66 -22.75
CA GLU B 114 5.72 -12.52 -22.99
C GLU B 114 6.40 -11.78 -21.85
N ASN B 115 5.79 -10.68 -21.40
CA ASN B 115 6.28 -9.93 -20.25
C ASN B 115 6.30 -10.74 -18.96
N ALA B 116 5.65 -11.92 -18.95
CA ALA B 116 5.56 -12.68 -17.71
C ALA B 116 6.95 -13.11 -17.22
N ALA B 117 7.84 -13.45 -18.14
CA ALA B 117 9.15 -13.97 -17.76
C ALA B 117 9.96 -12.95 -16.97
N ARG B 118 9.76 -11.66 -17.24
CA ARG B 118 10.49 -10.60 -16.54
C ARG B 118 9.79 -10.11 -15.30
N TRP B 119 8.46 -10.30 -15.20
CA TRP B 119 7.80 -10.23 -13.91
C TRP B 119 8.36 -11.29 -12.97
N LEU B 120 8.54 -12.50 -13.49
CA LEU B 120 9.13 -13.59 -12.71
C LEU B 120 10.52 -13.25 -12.23
N ARG B 121 11.32 -12.60 -13.07
CA ARG B 121 12.66 -12.19 -12.62
C ARG B 121 12.56 -11.11 -11.57
N GLU B 122 11.65 -10.16 -11.73
CA GLU B 122 11.42 -9.18 -10.67
C GLU B 122 11.01 -9.88 -9.38
N LEU B 123 9.97 -10.72 -9.45
CA LEU B 123 9.55 -11.48 -8.28
C LEU B 123 10.70 -12.28 -7.69
N ARG B 124 11.48 -12.95 -8.54
CA ARG B 124 12.57 -13.80 -8.03
C ARG B 124 13.71 -12.99 -7.42
N GLY B 125 13.91 -11.74 -7.82
CA GLY B 125 14.90 -10.91 -7.17
C GLY B 125 14.52 -10.33 -5.82
N HIS B 126 13.30 -10.59 -5.34
CA HIS B 126 12.82 -9.98 -4.09
C HIS B 126 12.12 -10.98 -3.19
N THR B 127 12.16 -12.27 -3.49
CA THR B 127 11.52 -13.24 -2.62
C THR B 127 12.47 -14.42 -2.42
N ASP B 128 12.10 -15.29 -1.49
CA ASP B 128 12.86 -16.51 -1.30
C ASP B 128 12.71 -17.44 -2.50
N PRO B 129 13.75 -18.20 -2.82
CA PRO B 129 13.64 -19.15 -3.95
C PRO B 129 12.55 -20.20 -3.80
N ASN B 130 12.06 -20.46 -2.58
CA ASN B 130 11.17 -21.58 -2.34
C ASN B 130 9.69 -21.20 -2.21
N ILE B 131 9.28 -20.04 -2.74
CA ILE B 131 7.87 -19.66 -2.62
C ILE B 131 7.03 -20.33 -3.71
N VAL B 132 5.77 -20.60 -3.36
CA VAL B 132 4.82 -21.11 -4.32
C VAL B 132 4.40 -20.01 -5.29
N VAL B 133 4.52 -20.29 -6.59
CA VAL B 133 4.22 -19.36 -7.68
C VAL B 133 3.32 -20.08 -8.67
N MET B 134 2.22 -19.46 -9.03
CA MET B 134 1.30 -20.03 -10.02
C MET B 134 1.15 -19.06 -11.19
N LEU B 135 1.48 -19.54 -12.39
CA LEU B 135 1.10 -18.84 -13.59
C LEU B 135 -0.41 -18.96 -13.76
N ILE B 136 -1.03 -17.83 -14.13
CA ILE B 136 -2.48 -17.73 -14.29
C ILE B 136 -2.79 -17.06 -15.62
N GLY B 137 -3.36 -17.81 -16.56
CA GLY B 137 -3.95 -17.24 -17.75
C GLY B 137 -5.38 -16.86 -17.47
N ASN B 138 -5.63 -15.56 -17.26
CA ASN B 138 -6.96 -15.10 -16.90
C ASN B 138 -7.71 -14.67 -18.17
N LYS B 139 -9.04 -14.62 -18.04
CA LYS B 139 -9.99 -14.23 -19.08
C LYS B 139 -10.19 -15.36 -20.08
N CYS B 140 -10.31 -16.59 -19.58
CA CYS B 140 -10.56 -17.74 -20.43
C CYS B 140 -12.04 -17.89 -20.80
N ASP B 141 -12.88 -16.89 -20.51
CA ASP B 141 -14.24 -16.85 -21.02
C ASP B 141 -14.34 -16.19 -22.38
N LEU B 142 -13.36 -15.36 -22.76
CA LEU B 142 -13.29 -14.75 -24.09
C LEU B 142 -12.75 -15.74 -25.12
N ARG B 143 -13.48 -16.86 -25.28
CA ARG B 143 -12.97 -18.01 -26.05
C ARG B 143 -12.59 -17.64 -27.49
N HIS B 144 -13.10 -16.56 -28.03
CA HIS B 144 -12.88 -16.24 -29.44
C HIS B 144 -11.80 -15.18 -29.65
N LEU B 145 -11.06 -14.79 -28.60
CA LEU B 145 -9.96 -13.85 -28.76
C LEU B 145 -8.68 -14.38 -28.13
N VAL B 146 -8.69 -15.65 -27.75
CA VAL B 146 -7.53 -16.32 -27.16
C VAL B 146 -6.37 -16.29 -28.15
N ALA B 147 -5.26 -15.65 -27.74
CA ALA B 147 -4.08 -15.45 -28.58
C ALA B 147 -2.82 -16.12 -28.04
N VAL B 148 -2.94 -16.84 -26.92
CA VAL B 148 -1.84 -17.53 -26.26
C VAL B 148 -2.25 -18.99 -26.18
N LYS B 149 -1.49 -19.87 -26.81
CA LYS B 149 -1.83 -21.29 -26.78
C LYS B 149 -1.58 -21.83 -25.38
N THR B 150 -2.56 -22.59 -24.87
CA THR B 150 -2.41 -23.24 -23.58
C THR B 150 -1.07 -23.99 -23.46
N GLU B 151 -0.68 -24.73 -24.51
CA GLU B 151 0.58 -25.48 -24.48
C GLU B 151 1.80 -24.57 -24.41
N GLU B 152 1.70 -23.34 -24.92
CA GLU B 152 2.80 -22.39 -24.79
C GLU B 152 2.97 -21.96 -23.33
N ALA B 153 1.85 -21.73 -22.64
CA ALA B 153 1.88 -21.44 -21.21
C ALA B 153 2.18 -22.69 -20.39
N LYS B 154 1.79 -23.86 -20.89
CA LYS B 154 2.14 -25.11 -20.21
C LYS B 154 3.65 -25.30 -20.19
N ALA B 155 4.33 -24.97 -21.28
CA ALA B 155 5.78 -25.15 -21.37
C ALA B 155 6.51 -24.18 -20.46
N PHE B 156 6.08 -22.92 -20.45
CA PHE B 156 6.68 -21.91 -19.57
C PHE B 156 6.63 -22.34 -18.10
N ALA B 157 5.46 -22.79 -17.65
CA ALA B 157 5.32 -23.27 -16.28
C ALA B 157 6.26 -24.44 -16.02
N GLU B 158 6.20 -25.48 -16.86
CA GLU B 158 7.15 -26.57 -16.82
C GLU B 158 8.60 -26.08 -16.68
N ARG B 159 9.04 -25.26 -17.64
CA ARG B 159 10.43 -24.82 -17.66
C ARG B 159 10.80 -24.03 -16.41
N GLU B 160 9.84 -23.30 -15.84
CA GLU B 160 10.13 -22.49 -14.66
C GLU B 160 9.57 -23.08 -13.36
N SER B 161 9.00 -24.27 -13.40
CA SER B 161 8.45 -24.93 -12.21
C SER B 161 7.38 -24.08 -11.53
N LEU B 162 6.46 -23.54 -12.32
CA LEU B 162 5.30 -22.84 -11.78
C LEU B 162 4.10 -23.77 -11.81
N TYR B 163 3.22 -23.63 -10.84
CA TYR B 163 1.90 -24.18 -11.07
C TYR B 163 1.20 -23.34 -12.16
N PHE B 164 0.08 -23.87 -12.66
CA PHE B 164 -0.57 -23.22 -13.79
C PHE B 164 -2.03 -23.58 -13.82
N MET B 165 -2.87 -22.56 -13.99
CA MET B 165 -4.30 -22.72 -14.21
C MET B 165 -4.76 -21.62 -15.14
N GLU B 166 -5.87 -21.86 -15.82
CA GLU B 166 -6.54 -20.83 -16.59
C GLU B 166 -7.82 -20.43 -15.86
N THR B 167 -8.08 -19.13 -15.78
CA THR B 167 -9.19 -18.61 -14.98
C THR B 167 -10.04 -17.63 -15.78
N SER B 168 -11.23 -17.42 -15.27
CA SER B 168 -12.03 -16.25 -15.60
C SER B 168 -12.56 -15.69 -14.28
N ALA B 169 -12.15 -14.48 -13.94
CA ALA B 169 -12.82 -13.78 -12.85
C ALA B 169 -14.25 -13.41 -13.24
N LEU B 170 -14.51 -13.26 -14.54
CA LEU B 170 -15.87 -12.95 -14.98
C LEU B 170 -16.84 -14.06 -14.58
N ASP B 171 -16.54 -15.32 -14.89
CA ASP B 171 -17.45 -16.40 -14.54
C ASP B 171 -16.91 -17.32 -13.45
N ALA B 172 -15.88 -16.87 -12.71
CA ALA B 172 -15.34 -17.51 -11.52
C ALA B 172 -14.58 -18.81 -11.80
N THR B 173 -14.38 -19.16 -13.07
CA THR B 173 -13.70 -20.40 -13.39
C THR B 173 -12.31 -20.43 -12.75
N ASN B 174 -12.09 -21.46 -11.93
CA ASN B 174 -10.81 -21.81 -11.31
C ASN B 174 -10.27 -20.74 -10.38
N VAL B 175 -11.04 -19.70 -10.07
CA VAL B 175 -10.54 -18.67 -9.18
C VAL B 175 -10.27 -19.25 -7.80
N GLU B 176 -11.22 -20.01 -7.27
CA GLU B 176 -11.03 -20.60 -5.95
C GLU B 176 -9.94 -21.68 -6.01
N ASN B 177 -9.95 -22.51 -7.05
CA ASN B 177 -8.93 -23.55 -7.18
C ASN B 177 -7.53 -22.97 -7.14
N ALA B 178 -7.29 -21.90 -7.89
CA ALA B 178 -5.94 -21.34 -7.95
C ALA B 178 -5.49 -20.88 -6.57
N PHE B 179 -6.32 -20.11 -5.88
CA PHE B 179 -5.95 -19.56 -4.60
C PHE B 179 -5.74 -20.66 -3.56
N THR B 180 -6.66 -21.62 -3.49
CA THR B 180 -6.58 -22.64 -2.46
C THR B 180 -5.41 -23.58 -2.71
N GLU B 181 -5.19 -23.96 -3.97
CA GLU B 181 -4.00 -24.73 -4.33
C GLU B 181 -2.73 -24.05 -3.82
N VAL B 182 -2.59 -22.76 -4.10
CA VAL B 182 -1.42 -22.02 -3.61
C VAL B 182 -1.33 -22.14 -2.09
N LEU B 183 -2.46 -22.02 -1.39
CA LEU B 183 -2.42 -22.07 0.06
C LEU B 183 -2.13 -23.49 0.57
N THR B 184 -2.52 -24.51 -0.17
CA THR B 184 -2.23 -25.88 0.25
C THR B 184 -0.77 -26.24 0.01
N GLN B 185 -0.20 -25.80 -1.11
CA GLN B 185 1.20 -26.10 -1.39
C GLN B 185 2.14 -25.40 -0.43
N ILE B 186 1.70 -24.26 0.11
CA ILE B 186 2.54 -23.50 1.01
C ILE B 186 2.38 -23.95 2.45
N HIS B 187 1.19 -24.42 2.81
CA HIS B 187 1.03 -25.15 4.06
C HIS B 187 2.01 -26.33 4.15
N LYS B 188 2.15 -27.09 3.06
CA LYS B 188 3.02 -28.26 3.06
C LYS B 188 4.48 -27.89 3.30
N ILE B 189 4.92 -26.73 2.81
CA ILE B 189 6.31 -26.32 3.01
C ILE B 189 6.58 -25.94 4.47
N VAL B 190 5.65 -25.25 5.12
CA VAL B 190 5.94 -24.72 6.46
C VAL B 190 5.58 -25.70 7.58
N SER B 191 4.58 -26.55 7.38
CA SER B 191 4.17 -27.47 8.44
C SER B 191 5.02 -28.75 8.43
#